data_8X2O
#
_entry.id   8X2O
#
_cell.length_a   61.080
_cell.length_b   102.770
_cell.length_c   125.310
_cell.angle_alpha   90.000
_cell.angle_beta   90.000
_cell.angle_gamma   90.000
#
_symmetry.space_group_name_H-M   'P 21 21 21'
#
loop_
_entity.id
_entity.type
_entity.pdbx_description
1 polymer 'Receptor-interacting serine/threonine-protein kinase 2'
2 non-polymer ~{N}-[(1~{R})-4-[4-[(6-fluoranyl-1,3-benzothiazol-5-yl)amino]thieno[2,3-d]pyrimidin-6-yl]cyclohex-3-en-1-yl]cyclopropanecarboxamide
3 water water
#
_entity_poly.entity_id   1
_entity_poly.type   'polypeptide(L)'
_entity_poly.pdbx_seq_one_letter_code
;MNGEAICSALPTIPYHKLADLRYLSRGASGTVSSARHADWRVQVAVKHLHIHTPLLDSERKDVLREAEILHKARFSYILP
ILGICNEPEFLGIVTEYMPNGSLNELLHRKTEYPDVAWPLRFRILHEIALGVNYLHNMTPPLLHHDLKTQNILLDNEFHV
KIADFGLSKWRMMSLSQSRSSKSAPEGGTIIYMPPENYEPGQKSRASIKHDIYSYAVITWEVLSRKQPFEDVTNPLQIMY
SVSQGHRPVINEESLPYDIPHRARMISLIESGWAQNPDERPSFLKCLIELEPVLRTFEEITFLEAVIQLKKTKLQS
;
_entity_poly.pdbx_strand_id   A,B
#
loop_
_chem_comp.id
_chem_comp.type
_chem_comp.name
_chem_comp.formula
6IL non-polymer ~{N}-[(1~{R})-4-[4-[(6-fluoranyl-1,3-benzothiazol-5-yl)amino]thieno[2,3-d]pyrimidin-6-yl]cyclohex-3-en-1-yl]cyclopropanecarboxamide 'C23 H20 F N5 O S2'
#
# COMPACT_ATOMS: atom_id res chain seq x y z
N SER A 8 -14.76 -9.06 1.53
CA SER A 8 -15.30 -10.24 2.19
C SER A 8 -14.84 -11.49 1.43
N ALA A 9 -15.36 -11.72 0.23
CA ALA A 9 -14.96 -12.88 -0.57
C ALA A 9 -13.70 -12.61 -1.38
N LEU A 10 -12.73 -13.51 -1.28
CA LEU A 10 -11.46 -13.31 -2.01
C LEU A 10 -11.67 -13.58 -3.49
N PRO A 11 -11.21 -12.71 -4.38
CA PRO A 11 -11.40 -12.96 -5.81
C PRO A 11 -10.78 -14.28 -6.24
N THR A 12 -11.35 -14.85 -7.30
CA THR A 12 -10.79 -16.00 -7.99
C THR A 12 -10.26 -15.49 -9.32
N ILE A 13 -9.00 -15.81 -9.61
CA ILE A 13 -8.34 -15.21 -10.76
C ILE A 13 -8.10 -16.31 -11.78
N PRO A 14 -8.80 -16.30 -12.92
CA PRO A 14 -8.57 -17.33 -13.94
C PRO A 14 -7.12 -17.31 -14.39
N TYR A 15 -6.57 -18.52 -14.58
CA TYR A 15 -5.16 -18.62 -14.96
C TYR A 15 -4.87 -17.93 -16.27
N HIS A 16 -5.83 -17.93 -17.19
CA HIS A 16 -5.55 -17.35 -18.49
C HIS A 16 -5.39 -15.83 -18.42
N LYS A 17 -5.83 -15.21 -17.33
CA LYS A 17 -5.64 -13.78 -17.17
C LYS A 17 -4.23 -13.40 -16.71
N LEU A 18 -3.36 -14.37 -16.40
CA LEU A 18 -2.00 -14.08 -15.94
C LEU A 18 -1.05 -14.14 -17.14
N ALA A 19 -0.66 -12.98 -17.66
CA ALA A 19 0.18 -12.91 -18.84
C ALA A 19 1.65 -12.73 -18.46
N ASP A 20 2.53 -13.23 -19.33
CA ASP A 20 3.98 -13.04 -19.18
C ASP A 20 4.53 -13.67 -17.90
N LEU A 21 4.01 -14.85 -17.54
CA LEU A 21 4.54 -15.61 -16.42
C LEU A 21 6.04 -15.85 -16.60
N ARG A 22 6.81 -15.63 -15.53
CA ARG A 22 8.25 -15.82 -15.57
C ARG A 22 8.73 -16.23 -14.19
N TYR A 23 9.76 -17.07 -14.16
CA TYR A 23 10.28 -17.61 -12.93
C TYR A 23 10.94 -16.51 -12.10
N LEU A 24 10.75 -16.55 -10.78
CA LEU A 24 11.35 -15.60 -9.85
C LEU A 24 12.22 -16.28 -8.79
N SER A 25 11.71 -17.35 -8.17
CA SER A 25 12.43 -18.10 -7.15
C SER A 25 11.68 -19.39 -6.87
N ARG A 26 12.39 -20.34 -6.27
CA ARG A 26 11.82 -21.61 -5.87
C ARG A 26 12.25 -21.92 -4.44
N GLY A 27 11.32 -22.42 -3.64
CA GLY A 27 11.58 -22.81 -2.27
C GLY A 27 10.59 -23.87 -1.82
N ALA A 28 10.73 -24.26 -0.55
CA ALA A 28 9.80 -25.23 0.03
C ALA A 28 8.37 -24.70 0.00
N SER A 29 8.19 -23.42 0.37
CA SER A 29 6.87 -22.81 0.28
C SER A 29 6.24 -23.03 -1.09
N GLY A 30 7.04 -22.95 -2.14
CA GLY A 30 6.57 -23.19 -3.49
C GLY A 30 7.37 -22.36 -4.47
N THR A 31 6.97 -22.43 -5.75
CA THR A 31 7.61 -21.63 -6.78
C THR A 31 6.90 -20.29 -6.92
N VAL A 32 7.68 -19.23 -7.05
CA VAL A 32 7.15 -17.88 -7.21
C VAL A 32 7.47 -17.42 -8.61
N SER A 33 6.44 -16.92 -9.31
CA SER A 33 6.57 -16.38 -10.65
C SER A 33 6.01 -14.96 -10.66
N SER A 34 6.54 -14.13 -11.55
CA SER A 34 5.99 -12.81 -11.78
C SER A 34 5.04 -12.91 -12.96
N ALA A 35 4.07 -11.99 -13.01
CA ALA A 35 3.12 -11.96 -14.11
C ALA A 35 2.50 -10.57 -14.20
N ARG A 36 1.74 -10.37 -15.27
CA ARG A 36 0.97 -9.15 -15.53
C ARG A 36 -0.49 -9.57 -15.62
N HIS A 37 -1.35 -8.90 -14.87
CA HIS A 37 -2.78 -9.24 -14.92
C HIS A 37 -3.42 -8.57 -16.13
N ALA A 38 -4.06 -9.38 -16.98
CA ALA A 38 -4.49 -8.90 -18.29
C ALA A 38 -5.57 -7.83 -18.21
N ASP A 39 -6.47 -7.92 -17.23
CA ASP A 39 -7.56 -6.97 -17.10
C ASP A 39 -7.22 -5.82 -16.14
N TRP A 40 -6.52 -6.12 -15.05
CA TRP A 40 -6.17 -5.08 -14.09
C TRP A 40 -4.92 -4.27 -14.48
N ARG A 41 -4.10 -4.77 -15.41
CA ARG A 41 -2.92 -4.03 -15.89
C ARG A 41 -1.93 -3.69 -14.76
N VAL A 42 -1.71 -4.64 -13.87
CA VAL A 42 -0.66 -4.47 -12.87
C VAL A 42 0.22 -5.71 -12.93
N GLN A 43 1.47 -5.53 -12.52
CA GLN A 43 2.32 -6.67 -12.23
C GLN A 43 1.85 -7.36 -10.95
N VAL A 44 1.90 -8.68 -10.96
CA VAL A 44 1.58 -9.47 -9.80
C VAL A 44 2.67 -10.52 -9.60
N ALA A 45 2.68 -11.10 -8.41
CA ALA A 45 3.46 -12.30 -8.14
C ALA A 45 2.52 -13.45 -7.84
N VAL A 46 2.98 -14.67 -8.05
CA VAL A 46 2.12 -15.83 -7.83
C VAL A 46 2.97 -16.98 -7.27
N LYS A 47 2.59 -17.46 -6.09
CA LYS A 47 3.19 -18.66 -5.51
C LYS A 47 2.34 -19.85 -5.92
N HIS A 48 2.92 -20.78 -6.67
CA HIS A 48 2.14 -21.84 -7.30
C HIS A 48 2.85 -23.19 -7.12
N LEU A 49 2.05 -24.26 -7.08
CA LEU A 49 2.60 -25.60 -6.94
C LEU A 49 2.72 -26.26 -8.32
N ASP A 57 -3.86 -33.67 -3.33
CA ASP A 57 -5.11 -33.18 -2.76
C ASP A 57 -4.85 -32.50 -1.42
N SER A 58 -3.91 -33.08 -0.66
CA SER A 58 -3.47 -32.43 0.56
C SER A 58 -2.78 -31.12 0.22
N GLU A 59 -2.09 -31.07 -0.92
CA GLU A 59 -1.46 -29.84 -1.36
C GLU A 59 -2.50 -28.75 -1.60
N ARG A 60 -3.67 -29.13 -2.13
CA ARG A 60 -4.70 -28.15 -2.40
C ARG A 60 -5.26 -27.54 -1.12
N LYS A 61 -5.34 -28.34 -0.06
CA LYS A 61 -5.85 -27.82 1.21
C LYS A 61 -4.91 -26.78 1.82
N ASP A 62 -3.60 -27.01 1.74
CA ASP A 62 -2.65 -26.10 2.37
C ASP A 62 -2.62 -24.74 1.67
N VAL A 63 -2.69 -24.73 0.35
CA VAL A 63 -2.67 -23.46 -0.38
C VAL A 63 -3.89 -22.63 -0.01
N LEU A 64 -5.08 -23.25 -0.02
CA LEU A 64 -6.30 -22.57 0.38
C LEU A 64 -6.20 -22.05 1.81
N ARG A 65 -5.61 -22.84 2.71
CA ARG A 65 -5.41 -22.36 4.07
C ARG A 65 -4.54 -21.10 4.08
N GLU A 66 -3.40 -21.15 3.38
CA GLU A 66 -2.54 -19.97 3.36
C GLU A 66 -3.27 -18.77 2.75
N ALA A 67 -3.99 -18.99 1.64
CA ALA A 67 -4.70 -17.87 1.01
C ALA A 67 -5.75 -17.29 1.94
N GLU A 68 -6.49 -18.15 2.64
CA GLU A 68 -7.47 -17.64 3.57
C GLU A 68 -6.82 -16.80 4.66
N ILE A 69 -5.70 -17.28 5.21
CA ILE A 69 -5.01 -16.55 6.26
C ILE A 69 -4.50 -15.20 5.78
N LEU A 70 -3.88 -15.14 4.60
CA LEU A 70 -3.51 -13.83 4.06
C LEU A 70 -4.71 -12.93 3.87
N HIS A 71 -5.81 -13.49 3.36
CA HIS A 71 -7.00 -12.67 3.16
C HIS A 71 -7.41 -12.02 4.48
N LYS A 72 -7.37 -12.79 5.58
CA LYS A 72 -7.84 -12.31 6.87
C LYS A 72 -6.82 -11.40 7.57
N ALA A 73 -5.52 -11.61 7.33
CA ALA A 73 -4.50 -10.89 8.07
C ALA A 73 -4.05 -9.60 7.39
N ARG A 74 -4.83 -9.10 6.42
CA ARG A 74 -4.48 -7.89 5.69
C ARG A 74 -4.12 -6.75 6.63
N PHE A 75 -3.03 -6.06 6.30
CA PHE A 75 -2.54 -4.93 7.08
C PHE A 75 -1.40 -4.29 6.30
N SER A 76 -1.04 -3.08 6.72
CA SER A 76 -0.12 -2.22 5.95
C SER A 76 1.27 -2.86 5.75
N TYR A 77 1.70 -3.79 6.61
CA TYR A 77 3.00 -4.43 6.46
C TYR A 77 2.87 -5.93 6.19
N ILE A 78 1.71 -6.37 5.72
CA ILE A 78 1.50 -7.75 5.32
C ILE A 78 1.37 -7.80 3.82
N LEU A 79 2.02 -8.77 3.19
CA LEU A 79 1.95 -8.89 1.74
C LEU A 79 0.49 -8.94 1.27
N PRO A 80 0.04 -7.97 0.47
CA PRO A 80 -1.37 -7.94 0.06
C PRO A 80 -1.68 -9.04 -0.95
N ILE A 81 -2.64 -9.91 -0.60
CA ILE A 81 -3.12 -10.94 -1.52
C ILE A 81 -4.17 -10.34 -2.46
N LEU A 82 -4.03 -10.67 -3.75
CA LEU A 82 -4.99 -10.19 -4.75
C LEU A 82 -6.03 -11.23 -5.15
N GLY A 83 -5.73 -12.51 -5.07
CA GLY A 83 -6.71 -13.52 -5.44
C GLY A 83 -6.10 -14.90 -5.42
N ILE A 84 -6.98 -15.90 -5.58
CA ILE A 84 -6.62 -17.31 -5.69
C ILE A 84 -6.80 -17.76 -7.14
N CYS A 85 -5.79 -18.45 -7.66
CA CYS A 85 -5.92 -19.23 -8.88
C CYS A 85 -6.21 -20.66 -8.47
N ASN A 86 -7.45 -21.11 -8.69
CA ASN A 86 -7.87 -22.46 -8.29
C ASN A 86 -8.54 -23.16 -9.47
N GLU A 87 -7.75 -23.83 -10.30
CA GLU A 87 -8.22 -24.50 -11.50
C GLU A 87 -7.57 -25.87 -11.60
N PRO A 88 -8.12 -26.76 -12.42
CA PRO A 88 -7.53 -28.12 -12.51
C PRO A 88 -6.09 -28.12 -12.98
N GLU A 89 -5.71 -27.22 -13.89
CA GLU A 89 -4.34 -27.12 -14.39
C GLU A 89 -3.41 -26.25 -13.54
N PHE A 90 -3.93 -25.45 -12.62
CA PHE A 90 -3.07 -24.46 -11.94
C PHE A 90 -3.68 -24.12 -10.61
N LEU A 91 -2.87 -24.23 -9.55
CA LEU A 91 -3.19 -23.72 -8.22
C LEU A 91 -2.12 -22.74 -7.81
N GLY A 92 -2.53 -21.58 -7.29
CA GLY A 92 -1.56 -20.58 -6.91
C GLY A 92 -2.19 -19.37 -6.25
N ILE A 93 -1.41 -18.69 -5.40
CA ILE A 93 -1.85 -17.48 -4.68
C ILE A 93 -1.27 -16.26 -5.38
N VAL A 94 -2.13 -15.28 -5.69
CA VAL A 94 -1.72 -14.08 -6.38
C VAL A 94 -1.60 -12.93 -5.39
N THR A 95 -0.45 -12.26 -5.40
CA THR A 95 -0.18 -11.15 -4.52
C THR A 95 0.31 -9.97 -5.35
N GLU A 96 0.33 -8.79 -4.73
CA GLU A 96 1.04 -7.67 -5.34
C GLU A 96 2.50 -8.04 -5.59
N TYR A 97 3.08 -7.42 -6.62
CA TYR A 97 4.48 -7.65 -6.96
C TYR A 97 5.35 -6.70 -6.14
N MET A 98 6.39 -7.27 -5.53
CA MET A 98 7.33 -6.50 -4.72
C MET A 98 8.62 -6.27 -5.54
N PRO A 99 8.84 -5.06 -6.08
CA PRO A 99 9.93 -4.86 -7.05
C PRO A 99 11.31 -4.94 -6.45
N ASN A 100 11.47 -4.79 -5.13
CA ASN A 100 12.79 -4.74 -4.54
C ASN A 100 13.17 -6.00 -3.78
N GLY A 101 12.54 -7.12 -4.10
CA GLY A 101 13.01 -8.37 -3.58
C GLY A 101 12.87 -8.47 -2.07
N SER A 102 13.78 -9.23 -1.46
CA SER A 102 13.69 -9.53 -0.05
C SER A 102 14.79 -8.85 0.73
N LEU A 103 14.53 -8.77 2.03
CA LEU A 103 15.51 -8.24 2.95
C LEU A 103 16.80 -9.05 2.91
N ASN A 104 16.67 -10.35 2.68
CA ASN A 104 17.84 -11.20 2.62
C ASN A 104 18.81 -10.76 1.51
N GLU A 105 18.29 -10.42 0.33
CA GLU A 105 19.20 -9.96 -0.72
C GLU A 105 19.82 -8.61 -0.34
N LEU A 106 19.03 -7.71 0.25
CA LEU A 106 19.55 -6.38 0.56
C LEU A 106 20.70 -6.49 1.55
N LEU A 107 20.57 -7.35 2.57
CA LEU A 107 21.58 -7.44 3.61
C LEU A 107 22.86 -8.09 3.10
N HIS A 108 22.72 -9.13 2.27
CA HIS A 108 23.85 -10.02 1.97
C HIS A 108 24.47 -9.81 0.60
N ARG A 109 23.82 -9.09 -0.32
CA ARG A 109 24.44 -8.79 -1.62
C ARG A 109 25.28 -7.51 -1.46
N LYS A 110 26.47 -7.69 -0.90
CA LYS A 110 27.30 -6.58 -0.45
C LYS A 110 28.07 -5.90 -1.59
N THR A 111 28.31 -6.59 -2.71
CA THR A 111 28.91 -5.89 -3.84
C THR A 111 27.89 -4.98 -4.50
N GLU A 112 26.64 -5.41 -4.55
CA GLU A 112 25.61 -4.60 -5.18
C GLU A 112 25.15 -3.47 -4.26
N TYR A 113 25.10 -3.70 -2.95
CA TYR A 113 24.61 -2.73 -1.96
C TYR A 113 25.71 -2.51 -0.92
N PRO A 114 26.68 -1.64 -1.20
CA PRO A 114 27.85 -1.54 -0.32
C PRO A 114 27.55 -0.91 1.05
N ASP A 115 26.61 0.04 1.13
CA ASP A 115 26.29 0.76 2.37
C ASP A 115 24.80 0.97 2.43
N VAL A 116 24.17 0.34 3.40
CA VAL A 116 22.72 0.37 3.56
C VAL A 116 22.45 1.30 4.72
N ALA A 117 21.83 2.44 4.40
CA ALA A 117 21.72 3.53 5.36
C ALA A 117 21.07 3.03 6.64
N TRP A 118 21.61 3.49 7.77
CA TRP A 118 21.04 3.10 9.05
C TRP A 118 19.57 3.50 9.20
N PRO A 119 19.13 4.69 8.81
CA PRO A 119 17.71 5.04 9.02
C PRO A 119 16.78 4.04 8.35
N LEU A 120 17.13 3.62 7.15
CA LEU A 120 16.33 2.65 6.43
C LEU A 120 16.31 1.29 7.15
N ARG A 121 17.46 0.83 7.67
CA ARG A 121 17.44 -0.46 8.37
C ARG A 121 16.54 -0.41 9.61
N PHE A 122 16.62 0.69 10.36
CA PHE A 122 15.74 0.81 11.52
C PHE A 122 14.28 0.90 11.11
N ARG A 123 13.99 1.58 9.99
CA ARG A 123 12.60 1.62 9.56
C ARG A 123 12.11 0.23 9.19
N ILE A 124 12.98 -0.58 8.57
CA ILE A 124 12.61 -1.95 8.23
C ILE A 124 12.30 -2.74 9.50
N LEU A 125 13.16 -2.61 10.52
CA LEU A 125 12.94 -3.31 11.79
C LEU A 125 11.62 -2.88 12.42
N HIS A 126 11.38 -1.56 12.45
CA HIS A 126 10.12 -1.04 12.97
C HIS A 126 8.93 -1.66 12.24
N GLU A 127 9.00 -1.73 10.92
CA GLU A 127 7.86 -2.17 10.13
C GLU A 127 7.61 -3.67 10.28
N ILE A 128 8.67 -4.49 10.34
CA ILE A 128 8.49 -5.90 10.69
C ILE A 128 7.76 -6.01 12.03
N ALA A 129 8.21 -5.22 13.02
CA ALA A 129 7.60 -5.33 14.36
C ALA A 129 6.15 -4.86 14.34
N LEU A 130 5.85 -3.78 13.62
CA LEU A 130 4.46 -3.35 13.46
C LEU A 130 3.64 -4.46 12.80
N GLY A 131 4.22 -5.12 11.80
CA GLY A 131 3.51 -6.20 11.13
C GLY A 131 3.19 -7.37 12.04
N VAL A 132 4.19 -7.85 12.77
CA VAL A 132 3.98 -9.02 13.62
C VAL A 132 3.11 -8.64 14.82
N ASN A 133 3.32 -7.43 15.35
CA ASN A 133 2.45 -6.94 16.40
C ASN A 133 0.99 -7.02 15.98
N TYR A 134 0.70 -6.64 14.74
CA TYR A 134 -0.68 -6.69 14.27
C TYR A 134 -1.19 -8.13 14.28
N LEU A 135 -0.42 -9.04 13.70
CA LEU A 135 -0.81 -10.45 13.67
C LEU A 135 -1.12 -10.95 15.08
N HIS A 136 -0.25 -10.65 16.05
CA HIS A 136 -0.48 -11.13 17.40
C HIS A 136 -1.71 -10.50 18.07
N ASN A 137 -2.24 -9.40 17.54
CA ASN A 137 -3.38 -8.72 18.14
C ASN A 137 -4.71 -9.03 17.44
N MET A 138 -4.72 -10.03 16.55
CA MET A 138 -5.82 -10.25 15.61
C MET A 138 -7.11 -10.90 16.15
N THR A 139 -7.16 -11.48 17.34
CA THR A 139 -8.47 -12.07 17.68
C THR A 139 -9.03 -13.04 16.63
N PRO A 140 -8.71 -14.33 16.72
CA PRO A 140 -7.68 -14.74 17.68
C PRO A 140 -6.31 -14.41 17.11
N PRO A 141 -5.31 -14.30 17.98
CA PRO A 141 -3.95 -14.00 17.52
C PRO A 141 -3.48 -14.95 16.43
N LEU A 142 -2.76 -14.40 15.44
CA LEU A 142 -2.08 -15.18 14.43
C LEU A 142 -0.59 -15.20 14.72
N LEU A 143 0.01 -16.39 14.66
CA LEU A 143 1.43 -16.57 14.88
C LEU A 143 2.06 -16.94 13.55
N HIS A 144 3.09 -16.19 13.15
CA HIS A 144 3.64 -16.39 11.80
C HIS A 144 4.43 -17.69 11.70
N HIS A 145 5.40 -17.87 12.59
CA HIS A 145 6.17 -19.10 12.78
C HIS A 145 7.08 -19.46 11.60
N ASP A 146 7.31 -18.55 10.66
CA ASP A 146 8.39 -18.78 9.71
C ASP A 146 9.04 -17.47 9.27
N LEU A 147 9.11 -16.49 10.17
CA LEU A 147 9.82 -15.26 9.85
C LEU A 147 11.29 -15.55 9.56
N LYS A 148 11.80 -14.90 8.53
CA LYS A 148 13.20 -14.98 8.14
C LYS A 148 13.41 -13.83 7.15
N THR A 149 14.67 -13.45 6.94
CA THR A 149 14.89 -12.31 6.06
C THR A 149 14.42 -12.61 4.64
N GLN A 150 14.41 -13.89 4.26
CA GLN A 150 13.88 -14.30 2.96
C GLN A 150 12.40 -13.98 2.82
N ASN A 151 11.67 -13.90 3.94
CA ASN A 151 10.23 -13.72 3.94
C ASN A 151 9.81 -12.29 4.21
N ILE A 152 10.77 -11.38 4.33
CA ILE A 152 10.49 -9.95 4.48
C ILE A 152 10.67 -9.34 3.09
N LEU A 153 9.58 -9.02 2.41
CA LEU A 153 9.66 -8.47 1.07
C LEU A 153 9.66 -6.93 1.12
N LEU A 154 10.15 -6.33 0.04
CA LEU A 154 10.42 -4.90 0.01
C LEU A 154 9.72 -4.28 -1.20
N ASP A 155 8.85 -3.30 -0.94
CA ASP A 155 8.05 -2.70 -2.01
C ASP A 155 8.86 -1.63 -2.75
N ASN A 156 8.20 -0.88 -3.64
CA ASN A 156 8.94 0.04 -4.51
C ASN A 156 9.74 1.07 -3.72
N GLU A 157 9.29 1.45 -2.53
CA GLU A 157 10.05 2.39 -1.70
C GLU A 157 10.65 1.71 -0.47
N PHE A 158 10.85 0.39 -0.54
CA PHE A 158 11.53 -0.35 0.51
C PHE A 158 10.73 -0.35 1.82
N HIS A 159 9.41 -0.34 1.72
CA HIS A 159 8.59 -0.64 2.88
C HIS A 159 8.38 -2.14 2.97
N VAL A 160 8.19 -2.62 4.18
CA VAL A 160 8.18 -4.04 4.47
C VAL A 160 6.83 -4.65 4.13
N LYS A 161 6.83 -5.81 3.48
CA LYS A 161 5.65 -6.67 3.40
C LYS A 161 6.07 -8.07 3.86
N ILE A 162 5.49 -8.53 4.96
CA ILE A 162 5.77 -9.86 5.48
C ILE A 162 5.03 -10.89 4.63
N ALA A 163 5.73 -11.94 4.24
CA ALA A 163 5.18 -12.97 3.35
C ALA A 163 5.28 -14.36 3.98
N ASP A 164 4.83 -15.36 3.21
CA ASP A 164 4.97 -16.77 3.51
C ASP A 164 4.30 -17.17 4.83
N PHE A 165 3.00 -17.41 4.78
CA PHE A 165 2.21 -17.81 5.92
C PHE A 165 1.89 -19.31 5.91
N GLY A 166 2.67 -20.11 5.16
CA GLY A 166 2.32 -21.52 5.00
C GLY A 166 2.29 -22.32 6.29
N LEU A 167 3.02 -21.89 7.30
CA LEU A 167 2.98 -22.61 8.55
C LEU A 167 2.67 -21.70 9.74
N SER A 168 2.00 -20.58 9.49
CA SER A 168 1.45 -19.77 10.55
C SER A 168 0.26 -20.48 11.19
N LYS A 169 -0.03 -20.13 12.45
CA LYS A 169 -1.05 -20.84 13.21
C LYS A 169 -1.91 -19.88 14.02
N TRP A 170 -3.19 -20.18 14.12
CA TRP A 170 -4.09 -19.42 14.99
C TRP A 170 -3.89 -19.86 16.44
N ARG A 171 -3.76 -18.90 17.36
CA ARG A 171 -3.55 -19.23 18.74
C ARG A 171 -4.79 -19.28 19.70
N GLY A 188 19.80 -23.66 8.10
CA GLY A 188 19.54 -22.33 7.56
C GLY A 188 18.06 -21.96 7.54
N THR A 189 17.20 -22.95 7.32
CA THR A 189 15.78 -22.80 7.60
C THR A 189 15.49 -22.93 9.09
N ILE A 190 16.50 -23.37 9.86
CA ILE A 190 16.36 -23.48 11.32
C ILE A 190 16.94 -22.28 12.04
N ILE A 191 17.70 -21.42 11.35
CA ILE A 191 18.46 -20.40 12.08
C ILE A 191 17.52 -19.47 12.85
N TYR A 192 16.25 -19.36 12.44
CA TYR A 192 15.26 -18.49 13.08
C TYR A 192 14.37 -19.20 14.08
N MET A 193 14.60 -20.50 14.35
CA MET A 193 13.72 -21.30 15.19
C MET A 193 14.23 -21.39 16.62
N PRO A 194 13.42 -21.04 17.62
CA PRO A 194 13.89 -21.13 19.00
C PRO A 194 14.17 -22.59 19.36
N PRO A 195 15.11 -22.82 20.28
CA PRO A 195 15.52 -24.22 20.55
C PRO A 195 14.41 -25.14 21.06
N GLU A 196 13.40 -24.61 21.77
CA GLU A 196 12.38 -25.49 22.37
C GLU A 196 11.53 -26.19 21.31
N ASN A 197 11.68 -25.81 20.05
CA ASN A 197 10.92 -26.29 18.93
C ASN A 197 11.50 -27.51 18.21
N TYR A 198 12.71 -27.93 18.55
CA TYR A 198 13.28 -29.10 17.91
C TYR A 198 12.49 -30.38 18.26
N SER A 207 3.91 -22.67 20.24
CA SER A 207 4.72 -21.74 21.01
C SER A 207 4.29 -20.28 20.74
N ILE A 208 4.09 -19.52 21.82
CA ILE A 208 3.75 -18.10 21.71
C ILE A 208 4.97 -17.20 21.63
N LYS A 209 6.19 -17.75 21.77
CA LYS A 209 7.39 -16.94 21.80
C LYS A 209 8.31 -17.25 20.62
N HIS A 210 7.78 -17.89 19.59
CA HIS A 210 8.56 -18.24 18.41
C HIS A 210 8.94 -16.99 17.61
N ASP A 211 7.95 -16.15 17.31
CA ASP A 211 8.14 -15.03 16.38
C ASP A 211 9.17 -14.04 16.92
N ILE A 212 9.10 -13.79 18.22
CA ILE A 212 10.04 -12.84 18.82
C ILE A 212 11.46 -13.38 18.72
N TYR A 213 11.64 -14.70 18.83
CA TYR A 213 12.98 -15.27 18.67
C TYR A 213 13.47 -15.10 17.24
N SER A 214 12.63 -15.40 16.25
CA SER A 214 12.99 -15.16 14.86
C SER A 214 13.36 -13.68 14.63
N TYR A 215 12.56 -12.77 15.20
CA TYR A 215 12.80 -11.34 15.01
C TYR A 215 14.15 -10.92 15.60
N ALA A 216 14.52 -11.47 16.76
CA ALA A 216 15.83 -11.19 17.35
C ALA A 216 16.96 -11.57 16.41
N VAL A 217 16.88 -12.75 15.79
CA VAL A 217 17.91 -13.13 14.83
C VAL A 217 17.85 -12.21 13.61
N ILE A 218 16.65 -11.87 13.14
CA ILE A 218 16.54 -10.94 12.02
C ILE A 218 17.23 -9.63 12.38
N THR A 219 17.03 -9.15 13.62
CA THR A 219 17.59 -7.87 14.03
C THR A 219 19.12 -7.93 14.04
N TRP A 220 19.67 -9.01 14.61
CA TRP A 220 21.11 -9.21 14.56
C TRP A 220 21.60 -9.21 13.11
N GLU A 221 20.90 -9.93 12.24
CA GLU A 221 21.25 -9.98 10.83
C GLU A 221 21.22 -8.60 10.18
N VAL A 222 20.18 -7.81 10.48
CA VAL A 222 20.04 -6.48 9.88
C VAL A 222 21.18 -5.57 10.33
N LEU A 223 21.53 -5.58 11.62
CA LEU A 223 22.58 -4.69 12.08
C LEU A 223 23.98 -5.15 11.71
N SER A 224 24.20 -6.46 11.55
CA SER A 224 25.54 -6.97 11.26
C SER A 224 25.80 -7.14 9.77
N ARG A 225 24.75 -7.37 8.97
CA ARG A 225 24.90 -7.80 7.58
C ARG A 225 25.76 -9.05 7.48
N LYS A 226 25.63 -9.93 8.47
CA LYS A 226 26.38 -11.19 8.55
C LYS A 226 25.41 -12.36 8.53
N GLN A 227 25.90 -13.49 8.03
CA GLN A 227 25.13 -14.73 8.11
C GLN A 227 25.20 -15.24 9.54
N PRO A 228 24.06 -15.48 10.19
CA PRO A 228 24.12 -16.06 11.54
C PRO A 228 24.83 -17.39 11.45
N PHE A 229 25.67 -17.66 12.44
CA PHE A 229 26.48 -18.88 12.44
C PHE A 229 27.22 -19.02 11.11
N GLU A 230 27.89 -17.94 10.70
CA GLU A 230 28.55 -17.94 9.39
C GLU A 230 29.57 -19.06 9.26
N ASP A 231 30.24 -19.41 10.35
CA ASP A 231 31.31 -20.39 10.39
C ASP A 231 30.81 -21.86 10.39
N VAL A 232 29.55 -22.13 10.02
CA VAL A 232 28.94 -23.44 10.25
C VAL A 232 28.54 -24.12 8.94
N THR A 233 29.13 -25.29 8.68
CA THR A 233 28.88 -26.06 7.46
C THR A 233 27.53 -26.80 7.45
N ASN A 234 27.05 -27.24 8.62
CA ASN A 234 25.88 -28.13 8.74
C ASN A 234 24.79 -27.52 9.63
N PRO A 235 23.53 -27.51 9.21
CA PRO A 235 22.48 -26.96 10.09
C PRO A 235 22.32 -27.69 11.42
N LEU A 236 22.68 -28.97 11.48
CA LEU A 236 22.68 -29.69 12.75
C LEU A 236 23.71 -29.12 13.72
N GLN A 237 24.79 -28.54 13.22
CA GLN A 237 25.71 -27.85 14.13
C GLN A 237 25.05 -26.65 14.76
N ILE A 238 24.21 -25.94 14.01
CA ILE A 238 23.51 -24.78 14.57
C ILE A 238 22.56 -25.22 15.67
N MET A 239 21.76 -26.25 15.40
CA MET A 239 20.81 -26.72 16.39
C MET A 239 21.54 -27.16 17.65
N TYR A 240 22.67 -27.86 17.50
CA TYR A 240 23.40 -28.31 18.67
C TYR A 240 23.89 -27.12 19.49
N SER A 241 24.48 -26.14 18.82
CA SER A 241 24.98 -24.99 19.57
C SER A 241 23.83 -24.15 20.14
N VAL A 242 22.75 -23.95 19.38
CA VAL A 242 21.64 -23.17 19.92
C VAL A 242 21.00 -23.91 21.09
N SER A 243 20.90 -25.23 20.99
CA SER A 243 20.39 -26.03 22.10
C SER A 243 21.22 -25.82 23.37
N GLN A 244 22.52 -25.51 23.21
CA GLN A 244 23.40 -25.26 24.35
C GLN A 244 23.30 -23.83 24.86
N GLY A 245 22.42 -23.00 24.30
CA GLY A 245 22.33 -21.61 24.70
C GLY A 245 23.17 -20.67 23.87
N HIS A 246 23.94 -21.18 22.91
CA HIS A 246 24.76 -20.31 22.09
C HIS A 246 23.92 -19.61 21.03
N ARG A 247 24.41 -18.45 20.57
CA ARG A 247 23.74 -17.57 19.61
C ARG A 247 24.75 -16.93 18.67
N PRO A 248 24.29 -16.26 17.61
CA PRO A 248 25.23 -15.55 16.74
C PRO A 248 26.08 -14.58 17.55
N VAL A 249 27.36 -14.50 17.18
CA VAL A 249 28.34 -13.81 18.01
C VAL A 249 28.04 -12.32 18.09
N ILE A 250 28.17 -11.77 19.30
CA ILE A 250 28.01 -10.34 19.53
C ILE A 250 29.34 -9.80 19.99
N ASN A 251 30.08 -9.16 19.08
CA ASN A 251 31.37 -8.57 19.40
C ASN A 251 31.64 -7.44 18.40
N GLU A 252 32.83 -6.86 18.50
CA GLU A 252 33.12 -5.69 17.67
C GLU A 252 33.13 -6.05 16.19
N GLU A 253 33.52 -7.27 15.84
CA GLU A 253 33.55 -7.63 14.43
C GLU A 253 32.13 -7.74 13.87
N SER A 254 31.24 -8.43 14.58
CA SER A 254 29.85 -8.59 14.13
C SER A 254 29.06 -7.29 14.24
N LEU A 255 29.15 -6.61 15.39
CA LEU A 255 28.39 -5.38 15.61
C LEU A 255 29.36 -4.27 16.00
N PRO A 256 29.88 -3.52 15.03
CA PRO A 256 30.89 -2.52 15.35
C PRO A 256 30.39 -1.44 16.30
N TYR A 257 31.35 -0.81 16.98
CA TYR A 257 31.03 0.17 18.02
C TYR A 257 30.28 1.37 17.46
N ASP A 258 30.46 1.70 16.18
CA ASP A 258 29.78 2.87 15.60
C ASP A 258 28.32 2.60 15.18
N ILE A 259 27.76 1.42 15.46
CA ILE A 259 26.34 1.22 15.12
C ILE A 259 25.49 2.18 15.94
N PRO A 260 24.61 2.97 15.32
CA PRO A 260 23.72 3.82 16.14
C PRO A 260 22.86 3.01 17.09
N HIS A 261 22.70 3.51 18.31
CA HIS A 261 21.89 2.86 19.35
C HIS A 261 22.35 1.41 19.62
N ARG A 262 23.66 1.20 19.62
CA ARG A 262 24.22 -0.14 19.77
C ARG A 262 23.70 -0.82 21.03
N ALA A 263 23.79 -0.12 22.17
CA ALA A 263 23.44 -0.76 23.44
C ALA A 263 21.95 -1.08 23.49
N ARG A 264 21.10 -0.20 22.96
CA ARG A 264 19.67 -0.48 23.00
C ARG A 264 19.34 -1.70 22.15
N MET A 265 19.93 -1.81 20.97
CA MET A 265 19.61 -2.94 20.09
C MET A 265 20.12 -4.25 20.66
N ILE A 266 21.33 -4.26 21.18
CA ILE A 266 21.89 -5.49 21.75
C ILE A 266 20.99 -6.00 22.86
N SER A 267 20.56 -5.10 23.73
CA SER A 267 19.62 -5.48 24.77
C SER A 267 18.36 -6.10 24.18
N LEU A 268 17.79 -5.47 23.14
CA LEU A 268 16.61 -6.04 22.51
C LEU A 268 16.89 -7.42 21.90
N ILE A 269 18.02 -7.58 21.21
CA ILE A 269 18.35 -8.88 20.59
C ILE A 269 18.49 -9.95 21.66
N GLU A 270 19.29 -9.68 22.69
CA GLU A 270 19.57 -10.73 23.66
C GLU A 270 18.33 -11.14 24.42
N SER A 271 17.42 -10.21 24.67
CA SER A 271 16.20 -10.60 25.35
C SER A 271 15.32 -11.40 24.42
N GLY A 272 15.32 -11.05 23.14
CA GLY A 272 14.45 -11.71 22.18
C GLY A 272 14.83 -13.15 21.90
N TRP A 273 16.12 -13.46 21.84
CA TRP A 273 16.50 -14.86 21.68
C TRP A 273 16.82 -15.59 23.00
N ALA A 274 16.36 -15.09 24.14
CA ALA A 274 16.70 -15.74 25.41
C ALA A 274 16.33 -17.22 25.37
N GLN A 275 17.22 -18.05 25.94
CA GLN A 275 16.93 -19.49 26.03
C GLN A 275 15.59 -19.76 26.70
N ASN A 276 15.33 -19.11 27.82
CA ASN A 276 14.05 -19.28 28.50
C ASN A 276 12.98 -18.44 27.82
N PRO A 277 11.99 -19.08 27.18
CA PRO A 277 11.00 -18.30 26.40
C PRO A 277 10.30 -17.23 27.22
N ASP A 278 10.19 -17.42 28.54
CA ASP A 278 9.51 -16.45 29.39
C ASP A 278 10.24 -15.11 29.47
N GLU A 279 11.54 -15.07 29.18
CA GLU A 279 12.30 -13.82 29.23
C GLU A 279 12.24 -13.04 27.92
N ARG A 280 11.65 -13.64 26.85
CA ARG A 280 11.55 -12.93 25.58
C ARG A 280 10.41 -11.91 25.63
N PRO A 281 10.62 -10.71 25.15
CA PRO A 281 9.59 -9.67 25.24
C PRO A 281 8.50 -9.86 24.19
N SER A 282 7.39 -9.16 24.42
CA SER A 282 6.34 -9.01 23.44
C SER A 282 6.80 -8.06 22.33
N PHE A 283 6.07 -8.11 21.21
CA PHE A 283 6.37 -7.17 20.13
C PHE A 283 5.98 -5.76 20.50
N LEU A 284 5.02 -5.60 21.41
CA LEU A 284 4.72 -4.28 21.94
C LEU A 284 5.98 -3.65 22.53
N LYS A 285 6.72 -4.40 23.36
CA LYS A 285 7.92 -3.83 23.96
C LYS A 285 8.98 -3.51 22.91
N CYS A 286 9.08 -4.32 21.85
CA CYS A 286 10.01 -3.95 20.78
C CYS A 286 9.63 -2.60 20.18
N LEU A 287 8.34 -2.39 19.93
CA LEU A 287 7.90 -1.11 19.36
C LEU A 287 8.21 0.04 20.33
N ILE A 288 8.05 -0.20 21.62
CA ILE A 288 8.40 0.83 22.60
C ILE A 288 9.88 1.17 22.52
N GLU A 289 10.74 0.19 22.26
CA GLU A 289 12.16 0.49 22.14
C GLU A 289 12.48 1.20 20.82
N LEU A 290 11.82 0.81 19.73
CA LEU A 290 12.15 1.34 18.41
C LEU A 290 11.57 2.73 18.15
N GLU A 291 10.38 3.03 18.66
CA GLU A 291 9.72 4.29 18.32
C GLU A 291 10.60 5.51 18.57
N PRO A 292 11.22 5.68 19.74
CA PRO A 292 12.07 6.87 19.93
C PRO A 292 13.28 6.88 19.02
N VAL A 293 13.78 5.72 18.62
CA VAL A 293 14.89 5.69 17.66
C VAL A 293 14.44 6.22 16.30
N LEU A 294 13.29 5.75 15.81
CA LEU A 294 12.84 6.17 14.48
C LEU A 294 12.45 7.64 14.44
N ARG A 295 12.06 8.21 15.58
CA ARG A 295 11.72 9.63 15.64
C ARG A 295 12.92 10.55 15.42
N THR A 296 14.16 10.05 15.56
CA THR A 296 15.31 10.90 15.31
C THR A 296 15.65 11.12 13.83
N PHE A 297 14.96 10.44 12.90
CA PHE A 297 15.32 10.50 11.48
C PHE A 297 14.35 11.37 10.68
N GLU A 298 14.92 12.26 9.85
CA GLU A 298 14.15 13.09 8.93
C GLU A 298 13.63 12.29 7.73
N GLU A 299 12.42 12.62 7.27
CA GLU A 299 11.80 11.84 6.20
C GLU A 299 12.66 11.87 4.94
N ILE A 300 13.40 12.95 4.71
CA ILE A 300 14.17 13.04 3.48
C ILE A 300 15.32 12.03 3.49
N THR A 301 15.84 11.70 4.67
CA THR A 301 16.97 10.79 4.69
C THR A 301 16.53 9.39 4.27
N PHE A 302 15.31 8.98 4.65
CA PHE A 302 14.78 7.70 4.16
C PHE A 302 14.70 7.69 2.65
N LEU A 303 14.16 8.76 2.06
CA LEU A 303 14.02 8.76 0.60
C LEU A 303 15.37 8.73 -0.11
N GLU A 304 16.35 9.52 0.39
CA GLU A 304 17.68 9.47 -0.17
C GLU A 304 18.24 8.04 -0.12
N ALA A 305 18.08 7.37 1.02
CA ALA A 305 18.56 6.01 1.13
C ALA A 305 17.87 5.08 0.14
N VAL A 306 16.57 5.32 -0.08
CA VAL A 306 15.80 4.52 -1.03
C VAL A 306 16.30 4.75 -2.44
N ILE A 307 16.54 6.00 -2.81
CA ILE A 307 17.05 6.28 -4.15
C ILE A 307 18.42 5.63 -4.34
N GLN A 308 19.26 5.70 -3.31
CA GLN A 308 20.58 5.11 -3.44
C GLN A 308 20.49 3.61 -3.71
N LEU A 309 19.58 2.92 -3.01
CA LEU A 309 19.34 1.50 -3.24
C LEU A 309 18.71 1.23 -4.61
N LYS A 310 17.69 2.00 -5.01
CA LYS A 310 17.11 1.78 -6.33
C LYS A 310 18.17 1.91 -7.41
N LYS A 311 19.00 2.95 -7.31
CA LYS A 311 20.02 3.18 -8.33
C LYS A 311 21.02 2.04 -8.36
N THR A 312 21.41 1.52 -7.18
CA THR A 312 22.42 0.46 -7.15
C THR A 312 21.91 -0.80 -7.85
N LYS A 313 20.64 -1.16 -7.62
CA LYS A 313 20.09 -2.32 -8.32
C LYS A 313 20.16 -2.16 -9.83
N LEU A 314 19.67 -1.01 -10.34
CA LEU A 314 19.69 -0.77 -11.78
C LEU A 314 21.11 -0.86 -12.35
N GLN A 315 22.10 -0.35 -11.62
CA GLN A 315 23.45 -0.38 -12.15
C GLN A 315 24.03 -1.80 -12.20
N SER A 316 23.47 -2.72 -11.42
CA SER A 316 23.83 -4.14 -11.51
C SER A 316 23.00 -4.89 -12.57
N ALA B 9 -13.96 -10.95 6.60
CA ALA B 9 -14.75 -10.29 7.65
C ALA B 9 -14.03 -9.07 8.25
N LEU B 10 -14.71 -7.92 8.22
CA LEU B 10 -14.07 -6.66 8.63
C LEU B 10 -13.93 -6.57 10.15
N PRO B 11 -12.73 -6.25 10.65
CA PRO B 11 -12.56 -6.08 12.10
C PRO B 11 -13.44 -4.98 12.67
N THR B 12 -13.79 -5.13 13.94
CA THR B 12 -14.49 -4.11 14.70
C THR B 12 -13.52 -3.51 15.70
N ILE B 13 -13.42 -2.18 15.71
CA ILE B 13 -12.40 -1.49 16.47
C ILE B 13 -13.09 -0.73 17.61
N PRO B 14 -12.88 -1.11 18.86
CA PRO B 14 -13.51 -0.37 19.96
C PRO B 14 -13.13 1.09 19.90
N TYR B 15 -14.08 1.97 20.18
CA TYR B 15 -13.80 3.39 20.07
C TYR B 15 -12.66 3.82 21.00
N HIS B 16 -12.55 3.19 22.17
CA HIS B 16 -11.54 3.58 23.15
C HIS B 16 -10.14 3.20 22.72
N LYS B 17 -10.00 2.31 21.74
CA LYS B 17 -8.67 2.02 21.25
C LYS B 17 -8.16 3.09 20.30
N LEU B 18 -8.95 4.10 19.96
CA LEU B 18 -8.52 5.23 19.12
C LEU B 18 -8.10 6.38 20.03
N ALA B 19 -6.80 6.59 20.16
CA ALA B 19 -6.25 7.62 21.04
C ALA B 19 -5.90 8.89 20.26
N ASP B 20 -5.90 10.01 20.99
CA ASP B 20 -5.43 11.28 20.43
C ASP B 20 -6.25 11.66 19.21
N LEU B 21 -7.55 11.36 19.26
CA LEU B 21 -8.44 11.73 18.17
C LEU B 21 -8.33 13.22 17.91
N ARG B 22 -8.18 13.59 16.64
CA ARG B 22 -8.04 15.00 16.31
C ARG B 22 -8.63 15.21 14.93
N TYR B 23 -9.33 16.32 14.78
CA TYR B 23 -10.06 16.64 13.58
C TYR B 23 -9.13 17.02 12.42
N LEU B 24 -9.47 16.56 11.18
CA LEU B 24 -8.76 16.95 9.92
C LEU B 24 -9.64 17.71 8.95
N SER B 25 -10.88 17.25 8.76
CA SER B 25 -11.67 17.71 7.65
C SER B 25 -13.12 17.41 7.95
N ARG B 26 -13.96 18.22 7.33
CA ARG B 26 -15.40 18.05 7.35
C ARG B 26 -15.85 18.34 5.93
N GLY B 27 -16.73 17.51 5.42
CA GLY B 27 -17.27 17.69 4.09
C GLY B 27 -18.64 17.08 4.07
N ALA B 28 -19.28 17.13 2.90
CA ALA B 28 -20.58 16.48 2.76
C ALA B 28 -20.46 14.99 3.04
N SER B 29 -19.42 14.36 2.47
CA SER B 29 -19.18 12.94 2.68
C SER B 29 -19.20 12.56 4.16
N GLY B 30 -18.65 13.42 5.02
CA GLY B 30 -18.62 13.15 6.45
C GLY B 30 -17.44 13.86 7.09
N THR B 31 -17.28 13.64 8.39
CA THR B 31 -16.20 14.24 9.15
C THR B 31 -15.01 13.28 9.21
N VAL B 32 -13.80 13.79 8.97
CA VAL B 32 -12.58 13.00 9.01
C VAL B 32 -11.68 13.54 10.12
N SER B 33 -11.23 12.66 11.00
CA SER B 33 -10.27 13.00 12.04
C SER B 33 -9.16 11.94 12.08
N SER B 34 -7.98 12.36 12.55
CA SER B 34 -6.87 11.44 12.73
C SER B 34 -6.81 10.90 14.16
N ALA B 35 -6.17 9.73 14.29
CA ALA B 35 -5.99 9.08 15.59
C ALA B 35 -4.82 8.12 15.49
N ARG B 36 -4.41 7.59 16.65
CA ARG B 36 -3.40 6.56 16.73
C ARG B 36 -4.05 5.34 17.38
N HIS B 37 -3.87 4.17 16.77
CA HIS B 37 -4.48 2.96 17.30
C HIS B 37 -3.68 2.49 18.52
N ALA B 38 -4.38 2.27 19.62
CA ALA B 38 -3.69 2.04 20.88
C ALA B 38 -2.89 0.74 20.87
N ASP B 39 -3.39 -0.30 20.20
CA ASP B 39 -2.70 -1.59 20.17
C ASP B 39 -1.79 -1.77 18.96
N TRP B 40 -2.22 -1.33 17.78
CA TRP B 40 -1.37 -1.49 16.61
C TRP B 40 -0.28 -0.45 16.53
N ARG B 41 -0.42 0.66 17.25
CA ARG B 41 0.61 1.70 17.30
C ARG B 41 0.92 2.27 15.91
N VAL B 42 -0.14 2.54 15.14
CA VAL B 42 -0.01 3.24 13.86
C VAL B 42 -0.98 4.40 13.87
N GLN B 43 -0.65 5.42 13.07
CA GLN B 43 -1.60 6.46 12.76
C GLN B 43 -2.72 5.90 11.90
N VAL B 44 -3.95 6.32 12.20
CA VAL B 44 -5.12 5.97 11.40
C VAL B 44 -5.94 7.23 11.17
N ALA B 45 -6.82 7.16 10.19
CA ALA B 45 -7.81 8.21 9.98
C ALA B 45 -9.18 7.59 10.14
N VAL B 46 -10.16 8.42 10.45
CA VAL B 46 -11.50 7.91 10.69
C VAL B 46 -12.54 8.92 10.22
N LYS B 47 -13.42 8.47 9.33
CA LYS B 47 -14.57 9.24 8.87
C LYS B 47 -15.80 8.87 9.69
N HIS B 48 -16.38 9.86 10.35
CA HIS B 48 -17.51 9.69 11.26
C HIS B 48 -18.55 10.78 10.99
N LEU B 49 -19.80 10.47 11.30
CA LEU B 49 -20.89 11.43 11.09
C LEU B 49 -21.18 12.24 12.36
N LEU B 55 -27.15 11.51 16.41
CA LEU B 55 -27.59 10.13 16.23
C LEU B 55 -28.50 10.01 15.01
N LEU B 56 -28.79 8.79 14.62
CA LEU B 56 -29.65 8.50 13.47
C LEU B 56 -29.87 6.99 13.42
N ASP B 57 -30.48 6.52 12.33
CA ASP B 57 -30.58 5.09 12.08
C ASP B 57 -30.37 4.83 10.60
N SER B 58 -30.96 5.67 9.74
CA SER B 58 -30.65 5.58 8.32
C SER B 58 -29.21 5.97 8.05
N GLU B 59 -28.69 6.96 8.78
CA GLU B 59 -27.31 7.37 8.57
C GLU B 59 -26.36 6.23 8.90
N ARG B 60 -26.66 5.47 9.97
CA ARG B 60 -25.74 4.40 10.33
C ARG B 60 -25.73 3.31 9.27
N LYS B 61 -26.86 3.07 8.60
CA LYS B 61 -26.87 2.09 7.52
C LYS B 61 -26.02 2.55 6.34
N ASP B 62 -26.05 3.84 6.02
CA ASP B 62 -25.25 4.32 4.91
C ASP B 62 -23.77 4.19 5.23
N VAL B 63 -23.37 4.51 6.47
CA VAL B 63 -21.98 4.37 6.86
C VAL B 63 -21.56 2.92 6.74
N LEU B 64 -22.37 2.01 7.27
CA LEU B 64 -22.10 0.58 7.15
C LEU B 64 -22.06 0.17 5.68
N ARG B 65 -22.92 0.75 4.84
CA ARG B 65 -22.88 0.44 3.41
C ARG B 65 -21.51 0.77 2.82
N GLU B 66 -21.00 1.98 3.09
CA GLU B 66 -19.70 2.35 2.55
C GLU B 66 -18.59 1.43 3.06
N ALA B 67 -18.61 1.10 4.35
CA ALA B 67 -17.54 0.27 4.91
C ALA B 67 -17.49 -1.09 4.25
N GLU B 68 -18.65 -1.72 4.02
CA GLU B 68 -18.66 -3.00 3.33
C GLU B 68 -18.07 -2.86 1.93
N ILE B 69 -18.41 -1.77 1.24
CA ILE B 69 -17.91 -1.61 -0.12
C ILE B 69 -16.39 -1.47 -0.13
N LEU B 70 -15.81 -0.63 0.75
CA LEU B 70 -14.34 -0.60 0.82
C LEU B 70 -13.75 -1.94 1.17
N HIS B 71 -14.33 -2.64 2.15
CA HIS B 71 -13.81 -3.94 2.52
C HIS B 71 -13.75 -4.82 1.28
N LYS B 72 -14.79 -4.77 0.46
CA LYS B 72 -14.85 -5.66 -0.70
C LYS B 72 -13.94 -5.19 -1.84
N ALA B 73 -13.74 -3.88 -1.99
CA ALA B 73 -13.04 -3.32 -3.13
C ALA B 73 -11.55 -3.14 -2.89
N ARG B 74 -10.99 -3.75 -1.85
CA ARG B 74 -9.58 -3.61 -1.53
C ARG B 74 -8.73 -3.81 -2.77
N PHE B 75 -7.74 -2.94 -2.93
CA PHE B 75 -6.84 -2.99 -4.07
C PHE B 75 -5.74 -1.97 -3.81
N SER B 76 -4.65 -2.10 -4.57
CA SER B 76 -3.46 -1.32 -4.29
C SER B 76 -3.71 0.19 -4.42
N TYR B 77 -4.71 0.62 -5.19
CA TYR B 77 -4.95 2.05 -5.34
C TYR B 77 -6.30 2.49 -4.73
N ILE B 78 -6.87 1.66 -3.84
CA ILE B 78 -8.05 2.01 -3.06
C ILE B 78 -7.65 2.25 -1.60
N LEU B 79 -8.22 3.27 -0.98
CA LEU B 79 -7.95 3.56 0.42
C LEU B 79 -8.22 2.31 1.29
N PRO B 80 -7.20 1.79 1.99
CA PRO B 80 -7.39 0.55 2.76
C PRO B 80 -8.22 0.81 4.01
N ILE B 81 -9.33 0.09 4.13
CA ILE B 81 -10.12 0.13 5.35
C ILE B 81 -9.48 -0.80 6.38
N LEU B 82 -9.34 -0.32 7.62
CA LEU B 82 -8.79 -1.12 8.70
C LEU B 82 -9.86 -1.70 9.62
N GLY B 83 -11.01 -1.04 9.72
CA GLY B 83 -12.09 -1.55 10.53
C GLY B 83 -13.20 -0.53 10.64
N ILE B 84 -14.30 -0.98 11.22
CA ILE B 84 -15.42 -0.12 11.60
C ILE B 84 -15.49 -0.01 13.13
N CYS B 85 -15.61 1.22 13.61
CA CYS B 85 -15.97 1.49 14.98
C CYS B 85 -17.48 1.69 15.01
N ASN B 86 -18.20 0.68 15.53
CA ASN B 86 -19.65 0.68 15.55
C ASN B 86 -20.09 0.39 16.97
N GLU B 87 -20.28 1.46 17.73
CA GLU B 87 -20.71 1.41 19.12
C GLU B 87 -21.78 2.46 19.30
N PRO B 88 -22.62 2.34 20.33
CA PRO B 88 -23.67 3.35 20.52
C PRO B 88 -23.12 4.75 20.66
N GLU B 89 -21.90 4.87 21.21
CA GLU B 89 -21.28 6.17 21.38
C GLU B 89 -20.60 6.69 20.11
N PHE B 90 -20.36 5.83 19.11
CA PHE B 90 -19.57 6.25 17.96
C PHE B 90 -19.80 5.33 16.76
N LEU B 91 -20.05 5.92 15.60
CA LEU B 91 -20.06 5.19 14.33
C LEU B 91 -19.03 5.80 13.38
N GLY B 92 -18.17 4.96 12.78
CA GLY B 92 -17.13 5.46 11.91
C GLY B 92 -16.25 4.42 11.22
N ILE B 93 -15.69 4.81 10.07
CA ILE B 93 -14.84 3.95 9.26
C ILE B 93 -13.37 4.29 9.52
N VAL B 94 -12.58 3.28 9.87
CA VAL B 94 -11.17 3.47 10.19
C VAL B 94 -10.35 3.01 9.00
N THR B 95 -9.43 3.86 8.56
CA THR B 95 -8.59 3.59 7.41
C THR B 95 -7.14 3.92 7.74
N GLU B 96 -6.24 3.45 6.88
CA GLU B 96 -4.87 3.94 6.96
C GLU B 96 -4.84 5.45 6.88
N TYR B 97 -3.86 6.07 7.54
CA TYR B 97 -3.71 7.51 7.49
C TYR B 97 -2.84 7.88 6.28
N MET B 98 -3.30 8.84 5.48
CA MET B 98 -2.57 9.25 4.29
C MET B 98 -1.78 10.51 4.59
N PRO B 99 -0.47 10.44 4.75
CA PRO B 99 0.29 11.59 5.27
C PRO B 99 0.37 12.79 4.33
N ASN B 100 0.11 12.61 3.04
CA ASN B 100 0.25 13.73 2.10
C ASN B 100 -1.11 14.25 1.62
N GLY B 101 -2.17 13.99 2.38
CA GLY B 101 -3.44 14.66 2.10
C GLY B 101 -4.00 14.25 0.75
N SER B 102 -4.69 15.20 0.09
CA SER B 102 -5.41 14.90 -1.15
C SER B 102 -4.73 15.55 -2.36
N LEU B 103 -5.09 15.03 -3.54
CA LEU B 103 -4.59 15.58 -4.78
C LEU B 103 -4.99 17.06 -4.90
N ASN B 104 -6.15 17.43 -4.32
CA ASN B 104 -6.57 18.82 -4.39
C ASN B 104 -5.56 19.79 -3.78
N GLU B 105 -5.00 19.49 -2.59
CA GLU B 105 -4.01 20.45 -2.09
C GLU B 105 -2.72 20.40 -2.90
N LEU B 106 -2.32 19.22 -3.38
CA LEU B 106 -1.11 19.17 -4.17
C LEU B 106 -1.25 20.07 -5.41
N LEU B 107 -2.43 20.03 -6.03
CA LEU B 107 -2.59 20.81 -7.25
C LEU B 107 -2.70 22.30 -6.97
N HIS B 108 -3.47 22.68 -5.95
CA HIS B 108 -3.89 24.07 -5.85
C HIS B 108 -3.19 24.88 -4.76
N ARG B 109 -2.51 24.23 -3.80
CA ARG B 109 -1.71 24.97 -2.81
C ARG B 109 -0.33 25.22 -3.40
N LYS B 110 -0.24 26.26 -4.24
CA LYS B 110 0.94 26.46 -5.06
C LYS B 110 2.09 27.13 -4.32
N THR B 111 1.80 27.85 -3.24
CA THR B 111 2.89 28.37 -2.43
C THR B 111 3.56 27.24 -1.67
N GLU B 112 2.79 26.23 -1.29
CA GLU B 112 3.35 25.09 -0.59
C GLU B 112 4.07 24.15 -1.55
N TYR B 113 3.59 24.02 -2.78
CA TYR B 113 4.18 23.12 -3.78
C TYR B 113 4.43 23.85 -5.09
N PRO B 114 5.49 24.64 -5.18
CA PRO B 114 5.67 25.43 -6.40
C PRO B 114 5.94 24.57 -7.62
N ASP B 115 6.49 23.37 -7.44
CA ASP B 115 6.87 22.52 -8.54
C ASP B 115 6.35 21.11 -8.31
N VAL B 116 5.48 20.63 -9.20
CA VAL B 116 5.07 19.23 -9.18
C VAL B 116 5.50 18.63 -10.52
N ALA B 117 6.60 17.90 -10.52
CA ALA B 117 7.20 17.43 -11.76
C ALA B 117 6.23 16.56 -12.54
N TRP B 118 6.32 16.62 -13.87
CA TRP B 118 5.44 15.83 -14.72
C TRP B 118 5.47 14.34 -14.42
N PRO B 119 6.62 13.70 -14.17
CA PRO B 119 6.58 12.25 -13.92
C PRO B 119 5.64 11.88 -12.79
N LEU B 120 5.63 12.66 -11.70
CA LEU B 120 4.75 12.36 -10.58
C LEU B 120 3.29 12.55 -10.99
N ARG B 121 2.98 13.65 -11.70
CA ARG B 121 1.61 13.89 -12.13
C ARG B 121 1.09 12.77 -13.02
N PHE B 122 1.90 12.30 -13.96
CA PHE B 122 1.49 11.23 -14.83
C PHE B 122 1.33 9.92 -14.06
N ARG B 123 2.18 9.69 -13.05
CA ARG B 123 2.01 8.49 -12.24
C ARG B 123 0.70 8.54 -11.47
N ILE B 124 0.37 9.72 -10.94
CA ILE B 124 -0.90 9.86 -10.24
C ILE B 124 -2.06 9.56 -11.18
N LEU B 125 -2.01 10.13 -12.40
CA LEU B 125 -3.07 9.84 -13.36
C LEU B 125 -3.14 8.35 -13.69
N HIS B 126 -2.00 7.72 -13.90
CA HIS B 126 -1.98 6.30 -14.16
C HIS B 126 -2.62 5.53 -13.00
N GLU B 127 -2.27 5.87 -11.76
CA GLU B 127 -2.73 5.08 -10.62
C GLU B 127 -4.21 5.28 -10.37
N ILE B 128 -4.72 6.51 -10.56
CA ILE B 128 -6.16 6.71 -10.49
C ILE B 128 -6.87 5.77 -11.46
N ALA B 129 -6.37 5.69 -12.70
CA ALA B 129 -7.04 4.89 -13.72
C ALA B 129 -7.00 3.40 -13.36
N LEU B 130 -5.86 2.93 -12.83
CA LEU B 130 -5.77 1.54 -12.36
C LEU B 130 -6.77 1.27 -11.25
N GLY B 131 -6.93 2.21 -10.32
CA GLY B 131 -7.89 2.00 -9.26
C GLY B 131 -9.31 1.90 -9.79
N VAL B 132 -9.73 2.86 -10.62
CA VAL B 132 -11.10 2.84 -11.11
C VAL B 132 -11.31 1.65 -12.04
N ASN B 133 -10.31 1.36 -12.87
CA ASN B 133 -10.40 0.17 -13.72
C ASN B 133 -10.66 -1.08 -12.88
N TYR B 134 -9.99 -1.21 -11.74
CA TYR B 134 -10.18 -2.36 -10.89
C TYR B 134 -11.62 -2.42 -10.41
N LEU B 135 -12.14 -1.29 -9.92
CA LEU B 135 -13.54 -1.24 -9.49
C LEU B 135 -14.46 -1.69 -10.61
N HIS B 136 -14.22 -1.18 -11.82
CA HIS B 136 -15.06 -1.53 -12.96
C HIS B 136 -14.90 -2.97 -13.39
N ASN B 137 -13.85 -3.67 -12.96
CA ASN B 137 -13.65 -5.05 -13.38
C ASN B 137 -14.13 -6.06 -12.35
N MET B 138 -14.76 -5.60 -11.28
CA MET B 138 -15.20 -6.47 -10.20
C MET B 138 -16.46 -7.22 -10.59
N THR B 139 -16.76 -8.27 -9.84
CA THR B 139 -17.96 -9.09 -10.02
C THR B 139 -18.91 -8.87 -8.85
N PRO B 140 -19.95 -8.05 -9.01
CA PRO B 140 -20.26 -7.20 -10.16
C PRO B 140 -19.50 -5.88 -10.18
N PRO B 141 -19.39 -5.24 -11.34
CA PRO B 141 -18.64 -3.98 -11.41
C PRO B 141 -19.09 -2.99 -10.35
N LEU B 142 -18.12 -2.31 -9.73
CA LEU B 142 -18.40 -1.24 -8.81
C LEU B 142 -18.17 0.09 -9.50
N LEU B 143 -19.14 1.01 -9.34
CA LEU B 143 -19.11 2.35 -9.91
C LEU B 143 -18.94 3.36 -8.77
N HIS B 144 -17.90 4.19 -8.87
CA HIS B 144 -17.58 5.10 -7.78
C HIS B 144 -18.55 6.28 -7.76
N HIS B 145 -18.68 6.98 -8.89
CA HIS B 145 -19.62 8.07 -9.09
C HIS B 145 -19.37 9.27 -8.17
N ASP B 146 -18.21 9.37 -7.52
CA ASP B 146 -17.91 10.63 -6.85
C ASP B 146 -16.45 10.97 -6.96
N LEU B 147 -15.82 10.57 -8.06
CA LEU B 147 -14.43 10.91 -8.26
C LEU B 147 -14.28 12.43 -8.26
N LYS B 148 -13.22 12.91 -7.62
CA LYS B 148 -12.81 14.31 -7.56
C LYS B 148 -11.41 14.37 -6.97
N THR B 149 -10.73 15.49 -7.20
CA THR B 149 -9.36 15.57 -6.69
C THR B 149 -9.35 15.57 -5.16
N GLN B 150 -10.43 16.05 -4.52
CA GLN B 150 -10.52 15.96 -3.07
C GLN B 150 -10.52 14.51 -2.57
N ASN B 151 -10.96 13.56 -3.41
CA ASN B 151 -11.14 12.18 -3.05
C ASN B 151 -10.00 11.28 -3.50
N ILE B 152 -8.95 11.85 -4.06
CA ILE B 152 -7.74 11.12 -4.38
C ILE B 152 -6.74 11.46 -3.29
N LEU B 153 -6.44 10.50 -2.42
CA LEU B 153 -5.51 10.77 -1.34
C LEU B 153 -4.11 10.30 -1.73
N LEU B 154 -3.11 10.82 -1.02
CA LEU B 154 -1.71 10.58 -1.33
C LEU B 154 -1.01 10.01 -0.12
N ASP B 155 -0.39 8.84 -0.27
CA ASP B 155 0.28 8.18 0.85
C ASP B 155 1.69 8.76 1.03
N ASN B 156 2.48 8.13 1.91
CA ASN B 156 3.75 8.71 2.33
C ASN B 156 4.70 8.95 1.16
N GLU B 157 4.64 8.13 0.11
CA GLU B 157 5.44 8.38 -1.09
C GLU B 157 4.59 8.86 -2.26
N PHE B 158 3.44 9.47 -1.98
CA PHE B 158 2.57 10.07 -3.01
C PHE B 158 2.00 9.03 -3.98
N HIS B 159 1.73 7.82 -3.52
CA HIS B 159 0.92 6.90 -4.33
C HIS B 159 -0.56 7.13 -4.03
N VAL B 160 -1.40 6.81 -5.03
CA VAL B 160 -2.81 7.15 -4.98
C VAL B 160 -3.60 6.17 -4.12
N LYS B 161 -4.51 6.69 -3.30
CA LYS B 161 -5.58 5.91 -2.70
C LYS B 161 -6.89 6.65 -2.96
N ILE B 162 -7.79 6.01 -3.70
CA ILE B 162 -9.11 6.56 -3.96
C ILE B 162 -9.97 6.36 -2.73
N ALA B 163 -10.70 7.40 -2.34
CA ALA B 163 -11.47 7.46 -1.12
C ALA B 163 -12.93 7.79 -1.42
N ASP B 164 -13.72 7.86 -0.34
CA ASP B 164 -15.10 8.34 -0.35
C ASP B 164 -15.99 7.54 -1.30
N PHE B 165 -16.54 6.44 -0.82
CA PHE B 165 -17.42 5.62 -1.64
C PHE B 165 -18.87 5.85 -1.29
N GLY B 166 -19.19 7.00 -0.70
CA GLY B 166 -20.55 7.24 -0.23
C GLY B 166 -21.59 7.15 -1.32
N LEU B 167 -21.20 7.36 -2.58
CA LEU B 167 -22.15 7.36 -3.69
C LEU B 167 -21.85 6.27 -4.70
N SER B 168 -21.00 5.31 -4.35
CA SER B 168 -20.70 4.23 -5.27
C SER B 168 -21.87 3.27 -5.40
N LYS B 169 -21.93 2.58 -6.51
CA LYS B 169 -23.03 1.67 -6.70
C LYS B 169 -22.56 0.45 -7.47
N TRP B 170 -23.17 -0.67 -7.10
CA TRP B 170 -22.96 -1.92 -7.77
C TRP B 170 -23.78 -1.98 -9.05
N ARG B 171 -23.14 -2.42 -10.12
CA ARG B 171 -23.77 -2.54 -11.38
C ARG B 171 -24.42 -3.91 -11.55
N GLY B 188 -19.24 23.61 -8.13
CA GLY B 188 -17.93 23.09 -7.80
C GLY B 188 -17.93 21.66 -7.31
N THR B 189 -19.01 21.28 -6.63
CA THR B 189 -19.28 19.89 -6.32
C THR B 189 -19.82 19.15 -7.53
N ILE B 190 -20.17 19.90 -8.59
CA ILE B 190 -20.73 19.36 -9.84
C ILE B 190 -19.74 19.21 -10.96
N ILE B 191 -18.55 19.81 -10.84
CA ILE B 191 -17.71 19.97 -12.02
C ILE B 191 -17.27 18.62 -12.58
N TYR B 192 -17.33 17.57 -11.77
CA TYR B 192 -16.93 16.25 -12.23
C TYR B 192 -18.11 15.42 -12.69
N MET B 193 -19.30 15.98 -12.69
CA MET B 193 -20.50 15.21 -12.97
C MET B 193 -20.89 15.34 -14.44
N PRO B 194 -21.09 14.23 -15.17
CA PRO B 194 -21.52 14.38 -16.57
C PRO B 194 -22.89 14.99 -16.65
N PRO B 195 -23.20 15.70 -17.73
CA PRO B 195 -24.50 16.38 -17.81
C PRO B 195 -25.69 15.44 -17.79
N GLU B 196 -25.57 14.21 -18.33
CA GLU B 196 -26.76 13.35 -18.32
C GLU B 196 -27.14 12.90 -16.91
N ASN B 197 -26.27 13.13 -15.92
CA ASN B 197 -26.57 12.80 -14.53
C ASN B 197 -27.12 13.99 -13.77
N TYR B 198 -27.26 15.16 -14.42
CA TYR B 198 -27.80 16.32 -13.73
C TYR B 198 -29.22 16.03 -13.26
N GLU B 199 -30.02 15.44 -14.13
CA GLU B 199 -31.35 14.97 -13.79
C GLU B 199 -31.31 13.45 -13.86
N PRO B 200 -31.09 12.77 -12.73
CA PRO B 200 -30.76 11.34 -12.79
C PRO B 200 -32.00 10.49 -13.06
N GLY B 201 -31.84 9.53 -13.96
CA GLY B 201 -32.87 8.53 -14.20
C GLY B 201 -32.20 7.19 -14.39
N GLN B 202 -33.00 6.13 -14.26
CA GLN B 202 -32.47 4.77 -14.41
C GLN B 202 -31.94 4.54 -15.82
N LYS B 203 -32.08 5.54 -16.70
CA LYS B 203 -31.42 5.53 -18.01
C LYS B 203 -29.93 5.80 -17.90
N SER B 204 -29.49 6.42 -16.79
CA SER B 204 -28.08 6.58 -16.46
C SER B 204 -27.78 6.26 -15.01
N ARG B 205 -28.80 6.07 -14.17
CA ARG B 205 -28.64 5.86 -12.73
C ARG B 205 -27.47 4.93 -12.41
N ALA B 206 -27.31 3.87 -13.21
CA ALA B 206 -26.10 3.05 -13.12
C ALA B 206 -25.37 3.06 -14.45
N SER B 207 -25.02 4.24 -14.96
CA SER B 207 -24.25 4.32 -16.20
C SER B 207 -22.80 3.96 -15.94
N ILE B 208 -22.22 3.22 -16.88
CA ILE B 208 -20.81 2.86 -16.78
C ILE B 208 -19.88 3.96 -17.26
N LYS B 209 -20.43 5.09 -17.71
CA LYS B 209 -19.61 6.16 -18.31
C LYS B 209 -19.55 7.44 -17.46
N HIS B 210 -19.97 7.39 -16.20
CA HIS B 210 -19.88 8.53 -15.30
C HIS B 210 -18.43 8.76 -14.88
N ASP B 211 -17.76 7.70 -14.44
CA ASP B 211 -16.44 7.85 -13.83
C ASP B 211 -15.42 8.41 -14.82
N ILE B 212 -15.48 7.96 -16.08
CA ILE B 212 -14.47 8.41 -17.04
C ILE B 212 -14.58 9.91 -17.27
N TYR B 213 -15.81 10.43 -17.20
CA TYR B 213 -15.98 11.87 -17.33
C TYR B 213 -15.35 12.59 -16.16
N SER B 214 -15.58 12.09 -14.94
CA SER B 214 -14.87 12.70 -13.80
C SER B 214 -13.37 12.67 -14.01
N TYR B 215 -12.87 11.52 -14.50
CA TYR B 215 -11.44 11.33 -14.70
C TYR B 215 -10.88 12.32 -15.72
N ALA B 216 -11.64 12.59 -16.80
CA ALA B 216 -11.21 13.56 -17.78
C ALA B 216 -11.03 14.94 -17.15
N VAL B 217 -11.98 15.36 -16.31
CA VAL B 217 -11.85 16.65 -15.63
C VAL B 217 -10.68 16.61 -14.65
N ILE B 218 -10.54 15.50 -13.92
CA ILE B 218 -9.38 15.38 -13.03
C ILE B 218 -8.09 15.48 -13.84
N THR B 219 -8.05 14.87 -15.03
CA THR B 219 -6.85 14.93 -15.84
C THR B 219 -6.54 16.34 -16.27
N TRP B 220 -7.55 17.07 -16.73
CA TRP B 220 -7.36 18.49 -17.05
C TRP B 220 -6.84 19.24 -15.84
N GLU B 221 -7.47 19.02 -14.69
CA GLU B 221 -7.07 19.71 -13.47
C GLU B 221 -5.61 19.41 -13.12
N VAL B 222 -5.21 18.14 -13.22
CA VAL B 222 -3.85 17.77 -12.86
C VAL B 222 -2.83 18.40 -13.81
N LEU B 223 -3.10 18.39 -15.12
CA LEU B 223 -2.14 18.94 -16.07
C LEU B 223 -2.12 20.47 -16.06
N SER B 224 -3.20 21.12 -15.64
CA SER B 224 -3.27 22.58 -15.64
C SER B 224 -2.97 23.20 -14.28
N ARG B 225 -3.20 22.48 -13.17
CA ARG B 225 -3.18 23.07 -11.83
C ARG B 225 -4.15 24.26 -11.73
N LYS B 226 -5.27 24.16 -12.43
CA LYS B 226 -6.26 25.22 -12.44
C LYS B 226 -7.58 24.68 -11.94
N GLN B 227 -8.41 25.56 -11.39
CA GLN B 227 -9.79 25.23 -11.08
C GLN B 227 -10.59 25.14 -12.37
N PRO B 228 -11.24 24.03 -12.66
CA PRO B 228 -12.09 23.95 -13.85
C PRO B 228 -13.22 24.98 -13.78
N PHE B 229 -13.51 25.60 -14.92
CA PHE B 229 -14.50 26.70 -14.97
C PHE B 229 -14.21 27.75 -13.90
N GLU B 230 -12.94 28.12 -13.75
CA GLU B 230 -12.59 29.10 -12.72
C GLU B 230 -13.32 30.41 -12.96
N ASP B 231 -13.51 30.78 -14.23
CA ASP B 231 -14.07 32.06 -14.61
C ASP B 231 -15.59 32.16 -14.45
N VAL B 232 -16.24 31.19 -13.82
CA VAL B 232 -17.70 31.18 -13.76
C VAL B 232 -18.07 31.25 -12.29
N THR B 233 -18.69 32.36 -11.89
CA THR B 233 -18.98 32.58 -10.47
C THR B 233 -20.12 31.70 -9.98
N ASN B 234 -21.04 31.31 -10.85
CA ASN B 234 -22.24 30.62 -10.40
C ASN B 234 -22.23 29.17 -10.86
N PRO B 235 -22.27 28.21 -9.93
CA PRO B 235 -22.25 26.80 -10.33
C PRO B 235 -23.44 26.35 -11.17
N LEU B 236 -24.61 26.97 -11.00
CA LEU B 236 -25.72 26.67 -11.91
C LEU B 236 -25.42 27.15 -13.33
N GLN B 237 -24.66 28.24 -13.49
CA GLN B 237 -24.24 28.63 -14.82
C GLN B 237 -23.33 27.57 -15.43
N ILE B 238 -22.50 26.92 -14.60
CA ILE B 238 -21.62 25.86 -15.09
C ILE B 238 -22.45 24.72 -15.68
N MET B 239 -23.47 24.27 -14.94
CA MET B 239 -24.32 23.16 -15.40
C MET B 239 -25.01 23.49 -16.72
N TYR B 240 -25.51 24.72 -16.83
CA TYR B 240 -26.14 25.12 -18.08
C TYR B 240 -25.14 25.06 -19.22
N SER B 241 -23.92 25.56 -18.99
CA SER B 241 -22.89 25.53 -20.04
C SER B 241 -22.45 24.11 -20.38
N VAL B 242 -22.27 23.28 -19.35
CA VAL B 242 -21.88 21.89 -19.59
C VAL B 242 -22.99 21.16 -20.35
N SER B 243 -24.26 21.45 -20.00
CA SER B 243 -25.39 20.86 -20.71
C SER B 243 -25.34 21.20 -22.20
N GLN B 244 -24.78 22.35 -22.55
CA GLN B 244 -24.69 22.78 -23.94
C GLN B 244 -23.42 22.28 -24.63
N GLY B 245 -22.59 21.48 -23.96
CA GLY B 245 -21.35 20.98 -24.52
C GLY B 245 -20.08 21.71 -24.15
N HIS B 246 -20.15 22.79 -23.37
CA HIS B 246 -18.93 23.50 -23.01
C HIS B 246 -18.14 22.74 -21.95
N ARG B 247 -16.84 22.97 -21.92
CA ARG B 247 -15.92 22.26 -21.03
C ARG B 247 -14.81 23.22 -20.65
N PRO B 248 -13.96 22.83 -19.70
CA PRO B 248 -12.79 23.64 -19.37
C PRO B 248 -11.92 23.87 -20.60
N VAL B 249 -11.30 25.04 -20.66
CA VAL B 249 -10.64 25.51 -21.87
C VAL B 249 -9.44 24.63 -22.22
N ILE B 250 -9.25 24.38 -23.51
CA ILE B 250 -8.09 23.65 -24.01
C ILE B 250 -7.25 24.62 -24.84
N ASN B 251 -6.18 25.15 -24.26
CA ASN B 251 -5.26 26.02 -24.97
C ASN B 251 -3.93 25.99 -24.25
N GLU B 252 -2.97 26.77 -24.74
CA GLU B 252 -1.63 26.75 -24.16
C GLU B 252 -1.60 27.35 -22.77
N GLU B 253 -2.52 28.26 -22.46
CA GLU B 253 -2.56 28.79 -21.10
C GLU B 253 -3.07 27.74 -20.13
N SER B 254 -4.11 27.01 -20.51
CA SER B 254 -4.64 25.95 -19.65
C SER B 254 -3.65 24.79 -19.56
N LEU B 255 -3.20 24.28 -20.70
CA LEU B 255 -2.38 23.07 -20.78
C LEU B 255 -1.07 23.43 -21.47
N PRO B 256 -0.03 23.75 -20.68
CA PRO B 256 1.20 24.34 -21.26
C PRO B 256 1.88 23.42 -22.27
N TYR B 257 2.70 24.06 -23.14
CA TYR B 257 3.33 23.34 -24.23
C TYR B 257 4.23 22.21 -23.75
N ASP B 258 4.83 22.35 -22.58
CA ASP B 258 5.75 21.31 -22.11
C ASP B 258 5.04 20.10 -21.48
N ILE B 259 3.73 19.96 -21.57
CA ILE B 259 3.15 18.72 -21.07
C ILE B 259 3.72 17.57 -21.91
N PRO B 260 4.36 16.55 -21.31
CA PRO B 260 4.83 15.40 -22.11
C PRO B 260 3.65 14.78 -22.85
N HIS B 261 3.86 14.41 -24.09
CA HIS B 261 2.81 13.78 -24.89
C HIS B 261 1.52 14.61 -24.89
N ARG B 262 1.68 15.93 -25.04
CA ARG B 262 0.58 16.89 -24.88
C ARG B 262 -0.64 16.53 -25.73
N ALA B 263 -0.44 16.22 -27.01
CA ALA B 263 -1.59 15.99 -27.89
C ALA B 263 -2.31 14.71 -27.48
N ARG B 264 -1.56 13.71 -27.03
CA ARG B 264 -2.21 12.49 -26.59
C ARG B 264 -3.06 12.76 -25.35
N MET B 265 -2.56 13.58 -24.42
CA MET B 265 -3.32 13.87 -23.20
C MET B 265 -4.56 14.69 -23.51
N ILE B 266 -4.46 15.64 -24.44
CA ILE B 266 -5.65 16.37 -24.85
C ILE B 266 -6.69 15.41 -25.42
N SER B 267 -6.28 14.49 -26.30
CA SER B 267 -7.21 13.49 -26.83
C SER B 267 -7.89 12.73 -25.71
N LEU B 268 -7.11 12.31 -24.74
CA LEU B 268 -7.66 11.53 -23.63
C LEU B 268 -8.70 12.35 -22.87
N ILE B 269 -8.41 13.62 -22.61
CA ILE B 269 -9.36 14.49 -21.93
C ILE B 269 -10.65 14.64 -22.74
N GLU B 270 -10.51 14.98 -24.02
CA GLU B 270 -11.71 15.31 -24.81
C GLU B 270 -12.60 14.11 -25.03
N SER B 271 -12.01 12.93 -25.16
CA SER B 271 -12.84 11.74 -25.33
C SER B 271 -13.46 11.35 -24.00
N GLY B 272 -12.76 11.58 -22.88
CA GLY B 272 -13.31 11.20 -21.59
C GLY B 272 -14.52 12.02 -21.18
N TRP B 273 -14.50 13.33 -21.48
CA TRP B 273 -15.65 14.19 -21.17
C TRP B 273 -16.59 14.41 -22.35
N ALA B 274 -16.53 13.56 -23.37
CA ALA B 274 -17.40 13.75 -24.53
C ALA B 274 -18.87 13.85 -24.11
N GLN B 275 -19.59 14.75 -24.80
CA GLN B 275 -21.02 14.95 -24.56
C GLN B 275 -21.79 13.65 -24.64
N ASN B 276 -21.55 12.89 -25.69
CA ASN B 276 -22.20 11.61 -25.90
C ASN B 276 -21.54 10.55 -25.03
N PRO B 277 -22.25 10.02 -24.03
CA PRO B 277 -21.61 9.02 -23.14
C PRO B 277 -21.07 7.81 -23.88
N ASP B 278 -21.70 7.45 -25.01
CA ASP B 278 -21.26 6.29 -25.76
C ASP B 278 -19.86 6.49 -26.30
N GLU B 279 -19.43 7.72 -26.35
CA GLU B 279 -18.32 8.09 -27.22
C GLU B 279 -17.05 8.13 -26.37
N ARG B 280 -17.23 8.05 -25.00
CA ARG B 280 -16.23 8.00 -23.94
C ARG B 280 -15.66 6.58 -23.83
N PRO B 281 -14.34 6.46 -23.64
CA PRO B 281 -13.70 5.14 -23.54
C PRO B 281 -13.87 4.49 -22.17
N SER B 282 -13.61 3.19 -22.15
CA SER B 282 -13.44 2.45 -20.92
C SER B 282 -12.12 2.82 -20.26
N PHE B 283 -12.01 2.52 -18.96
CA PHE B 283 -10.74 2.77 -18.30
C PHE B 283 -9.65 1.82 -18.79
N LEU B 284 -10.03 0.61 -19.20
CA LEU B 284 -9.06 -0.30 -19.81
C LEU B 284 -8.39 0.33 -21.00
N LYS B 285 -9.19 0.89 -21.90
CA LYS B 285 -8.63 1.50 -23.10
C LYS B 285 -7.77 2.69 -22.75
N CYS B 286 -8.16 3.48 -21.72
CA CYS B 286 -7.30 4.57 -21.27
C CYS B 286 -5.98 4.03 -20.75
N LEU B 287 -6.02 2.92 -20.00
CA LEU B 287 -4.78 2.34 -19.51
C LEU B 287 -3.93 1.83 -20.66
N ILE B 288 -4.56 1.23 -21.67
CA ILE B 288 -3.79 0.76 -22.81
C ILE B 288 -3.03 1.92 -23.46
N GLU B 289 -3.65 3.10 -23.53
CA GLU B 289 -2.99 4.25 -24.11
C GLU B 289 -1.99 4.88 -23.15
N LEU B 290 -2.25 4.84 -21.84
CA LEU B 290 -1.35 5.52 -20.92
C LEU B 290 -0.05 4.75 -20.73
N GLU B 291 -0.10 3.41 -20.83
CA GLU B 291 1.08 2.60 -20.51
C GLU B 291 2.32 3.00 -21.28
N PRO B 292 2.30 3.11 -22.62
CA PRO B 292 3.51 3.55 -23.31
C PRO B 292 3.93 4.95 -22.96
N VAL B 293 2.99 5.82 -22.57
CA VAL B 293 3.37 7.17 -22.15
C VAL B 293 4.13 7.11 -20.85
N LEU B 294 3.63 6.33 -19.89
CA LEU B 294 4.31 6.24 -18.60
C LEU B 294 5.68 5.57 -18.73
N ARG B 295 5.84 4.67 -19.71
CA ARG B 295 7.13 4.02 -19.91
C ARG B 295 8.19 4.98 -20.45
N THR B 296 7.80 6.15 -20.97
CA THR B 296 8.83 7.08 -21.41
C THR B 296 9.53 7.79 -20.26
N PHE B 297 9.09 7.63 -19.02
CA PHE B 297 9.76 8.25 -17.88
C PHE B 297 10.61 7.17 -17.22
N GLU B 298 11.87 7.48 -16.92
CA GLU B 298 12.73 6.54 -16.20
C GLU B 298 12.21 6.38 -14.77
N GLU B 299 12.27 5.15 -14.23
CA GLU B 299 11.59 4.87 -12.97
C GLU B 299 12.09 5.73 -11.84
N ILE B 300 13.38 6.04 -11.83
CA ILE B 300 13.92 6.80 -10.69
C ILE B 300 13.35 8.20 -10.72
N THR B 301 12.88 8.64 -11.88
CA THR B 301 12.39 9.99 -12.05
C THR B 301 11.16 10.24 -11.18
N PHE B 302 10.32 9.22 -10.97
CA PHE B 302 9.19 9.38 -10.06
C PHE B 302 9.65 9.70 -8.65
N LEU B 303 10.64 8.94 -8.13
CA LEU B 303 11.20 9.23 -6.81
C LEU B 303 11.89 10.58 -6.78
N GLU B 304 12.64 10.91 -7.84
CA GLU B 304 13.24 12.23 -7.95
C GLU B 304 12.18 13.31 -7.73
N ALA B 305 11.01 13.14 -8.36
CA ALA B 305 9.94 14.12 -8.21
C ALA B 305 9.47 14.24 -6.77
N VAL B 306 9.33 13.11 -6.07
CA VAL B 306 8.86 13.18 -4.68
C VAL B 306 9.90 13.87 -3.81
N ILE B 307 11.15 13.53 -4.04
CA ILE B 307 12.23 14.08 -3.23
C ILE B 307 12.25 15.60 -3.41
N GLN B 308 12.05 16.05 -4.65
CA GLN B 308 11.99 17.49 -4.92
C GLN B 308 10.84 18.15 -4.17
N LEU B 309 9.69 17.47 -4.08
CA LEU B 309 8.58 18.01 -3.33
C LEU B 309 8.93 18.16 -1.86
N LYS B 310 9.46 17.09 -1.27
CA LYS B 310 9.80 17.14 0.15
C LYS B 310 10.90 18.14 0.43
N LYS B 311 11.97 18.16 -0.39
CA LYS B 311 13.09 19.06 -0.11
C LYS B 311 12.65 20.53 -0.18
N THR B 312 11.86 20.92 -1.18
CA THR B 312 11.50 22.33 -1.24
C THR B 312 10.54 22.69 -0.12
N LYS B 313 9.57 21.81 0.16
CA LYS B 313 8.63 22.05 1.26
C LYS B 313 9.37 22.21 2.58
N LEU B 314 10.31 21.29 2.86
CA LEU B 314 11.08 21.38 4.10
C LEU B 314 11.83 22.71 4.19
N GLN B 315 12.39 23.20 3.08
CA GLN B 315 13.12 24.46 3.10
C GLN B 315 12.23 25.66 3.38
N SER B 316 10.91 25.54 3.14
CA SER B 316 9.96 26.61 3.46
C SER B 316 9.55 26.59 4.94
N3 6IL C . 6.64 -10.05 -4.77
C4 6IL C . 2.97 -15.04 -3.05
C7 6IL C . 5.11 -14.74 -1.28
C8 6IL C . 6.62 -12.59 -3.76
C10 6IL C . 7.73 -10.79 -4.79
C17 6IL C . 14.25 -13.01 -5.14
C20 6IL C . 16.26 -14.56 -5.38
C21 6IL C . 17.60 -14.87 -6.06
C22 6IL C . 18.63 -15.51 -5.12
N 6IL C . 6.56 -13.93 -3.18
CA 6IL C . 5.28 -14.43 -2.64
O 6IL C . 15.84 -15.30 -4.55
CB 6IL C . 4.19 -14.57 -3.51
CD1 6IL C . 3.87 -15.21 -0.83
NE1 6IL C . 3.59 -15.54 0.46
CE2 6IL C . 2.29 -15.95 0.58
CE3 6IL C . 12.37 -11.44 -5.84
CZ3 6IL C . 11.42 -12.33 -5.19
CH2 6IL C . 9.98 -11.90 -4.93
C1 6IL C . 2.82 -15.35 -1.71
C11 6IL C . 5.52 -10.60 -4.24
C12 6IL C . 8.98 -12.60 -4.43
C16 6IL C . 13.86 -11.67 -5.79
C18 6IL C . 13.16 -14.12 -5.39
C19 6IL C . 11.87 -13.64 -4.61
C23 6IL C . 17.94 -16.37 -6.19
C9 6IL C . 7.77 -12.09 -4.29
F1 6IL C . 4.35 -14.28 -4.83
N4 6IL C . 5.52 -11.85 -3.75
N5 6IL C . 15.51 -13.36 -5.74
S1 6IL C . 1.43 -15.96 -0.91
S2 6IL C . 9.37 -10.35 -5.39
H2 6IL C . 2.13 -15.17 -3.73
H3 6IL C . 5.93 -14.61 -0.58
H10 6IL C . 14.32 -12.94 -4.06
H16 6IL C . 17.99 -14.22 -6.84
H18 6IL C . 18.28 -15.68 -4.10
H17 6IL C . 19.66 -15.26 -5.31
H4 6IL C . 7.37 -14.51 -3.15
H1 6IL C . 1.84 -16.25 1.53
H7 6IL C . 12.18 -10.55 -6.42
H5 6IL C . 4.59 -10.01 -4.22
H6 6IL C . 9.16 -13.62 -4.11
H9 6IL C . 14.31 -10.86 -5.22
H8 6IL C . 14.24 -11.64 -6.81
H11 6IL C . 13.51 -15.08 -4.99
H12 6IL C . 12.95 -14.23 -6.45
H13 6IL C . 11.08 -14.38 -4.72
H14 6IL C . 12.11 -13.52 -3.55
H19 6IL C . 18.56 -16.64 -7.04
H20 6IL C . 17.18 -17.06 -5.84
H15 6IL C . 15.90 -12.74 -6.44
N3 6IL D . -6.14 9.68 5.32
C4 6IL D . -11.96 7.47 5.82
C7 6IL D . -11.78 8.99 3.52
C8 6IL D . -8.77 10.21 4.87
C10 6IL D . -6.56 10.92 5.12
C17 6IL D . -6.82 17.55 4.10
C20 6IL D . -6.84 20.10 3.85
C21 6IL D . -5.99 21.37 4.20
C22 6IL D . -4.71 21.09 5.01
N 6IL D . -10.18 10.49 4.64
CA 6IL D . -11.05 9.34 4.66
O 6IL D . -7.88 20.15 3.28
CB 6IL D . -11.12 8.58 5.81
CD1 6IL D . -12.61 7.87 3.52
NE1 6IL D . -13.36 7.41 2.47
CE2 6IL D . -14.04 6.31 2.82
CE3 6IL D . -5.89 15.48 5.11
CZ3 6IL D . -7.11 14.86 4.65
CH2 6IL D . -7.10 13.36 4.78
C1 6IL D . -12.67 7.15 4.69
C11 6IL D . -7.07 8.68 5.28
C12 6IL D . -8.08 12.52 4.74
C16 6IL D . -5.58 16.86 4.74
C18 6IL D . -8.16 17.15 4.74
C19 6IL D . -8.33 15.67 4.20
C23 6IL D . -4.59 21.44 3.52
C9 6IL D . -7.89 11.23 4.90
F1 6IL D . -10.43 8.92 6.95
N4 6IL D . -8.36 8.98 5.06
N5 6IL D . -6.28 18.85 4.32
S1 6IL D . -13.72 5.85 4.45
S2 6IL D . -5.63 12.49 5.11
H2 6IL D . -12.05 6.86 6.71
H3 6IL D . -11.70 9.58 2.61
H10 6IL D . -7.13 17.33 3.09
H16 6IL D . -6.49 22.32 4.39
H18 6IL D . -4.53 20.05 5.26
H17 6IL D . -4.41 21.89 5.69
H4 6IL D . -10.52 11.43 4.46
H1 6IL D . -14.71 5.78 2.16
H7 6IL D . -5.10 15.06 5.73
H5 6IL D . -6.76 7.65 5.42
H6 6IL D . -9.09 12.90 4.59
H9 6IL D . -4.75 16.87 4.02
H8 6IL D . -5.28 17.42 5.64
H11 6IL D . -8.97 17.80 4.38
H12 6IL D . -8.11 17.18 5.82
H13 6IL D . -9.24 15.23 4.61
H14 6IL D . -8.40 15.68 3.11
H19 6IL D . -4.23 22.44 3.29
H20 6IL D . -4.35 20.60 2.86
H15 6IL D . -5.43 18.90 4.86
#